data_7TZY
#
_entry.id   7TZY
#
_cell.length_a   44.048
_cell.length_b   51.300
_cell.length_c   78.879
_cell.angle_alpha   90.000
_cell.angle_beta   92.010
_cell.angle_gamma   90.000
#
_symmetry.space_group_name_H-M   'P 1 21 1'
#
loop_
_entity.id
_entity.type
_entity.pdbx_description
1 polymer 'Cytochrome P450'
2 non-polymer '4-(2-bromoethyl)benzoic acid'
3 non-polymer 'PROTOPORPHYRIN IX CONTAINING FE'
4 non-polymer 'CHLORIDE ION'
5 water water
#
_entity_poly.entity_id   1
_entity_poly.type   'polypeptide(L)'
_entity_poly.pdbx_seq_one_letter_code
;MISNSSAESISAPPNDSTIPHLAIDPFSLDFFDDPYPDQQTLRDAGPVVYLDKWNVYGVARYAEVHAVLNDPTTFCSSRG
VGLSDFKKEKPWRPPSLILEADPPAHTRPRAVLSKVLSPATMKTIRDGFAAAADAKVDELLQRGCIDAIADLAEAYPLSV
FPDAMGLKQEGREHLLPYAGLVFNAFGPPNELRQTAIERSAPHQAYVNEQCQRPNLAPGGFGACIHAFTDTGEITPDEAP
LLVRSLLSAGLDTTVNGIGAAVYCLARFPGELQRLRSDPTLARNAFEEAVRFESPVQTFFRTTTREVELGGAVIGEGEKV
LMFLGSANRDPRRWSDPDLYDITRKTSGHVGFGSGVHMCVGQLVARLEGEVMLSALARKVAAIDIDGPVKRRFNNTLRGL
ESLPVKLTPA
;
_entity_poly.pdbx_strand_id   A
#
loop_
_chem_comp.id
_chem_comp.type
_chem_comp.name
_chem_comp.formula
CL non-polymer 'CHLORIDE ION' 'Cl -1'
HEM non-polymer 'PROTOPORPHYRIN IX CONTAINING FE' 'C34 H32 Fe N4 O4'
L3K non-polymer '4-(2-bromoethyl)benzoic acid' 'C9 H9 Br O2'
#
# COMPACT_ATOMS: atom_id res chain seq x y z
N THR A 18 4.49 -32.81 -6.93
CA THR A 18 5.37 -32.00 -7.76
C THR A 18 5.54 -30.61 -7.16
N ILE A 19 4.48 -30.10 -6.56
CA ILE A 19 4.49 -28.79 -5.89
C ILE A 19 4.92 -28.99 -4.45
N PRO A 20 5.93 -28.27 -3.98
CA PRO A 20 6.34 -28.43 -2.58
C PRO A 20 5.30 -27.85 -1.63
N HIS A 21 5.07 -28.55 -0.52
CA HIS A 21 4.15 -28.11 0.51
C HIS A 21 4.95 -27.56 1.69
N LEU A 22 4.64 -26.33 2.10
CA LEU A 22 5.35 -25.69 3.20
C LEU A 22 4.37 -25.37 4.32
N ALA A 23 4.88 -25.39 5.55
CA ALA A 23 4.11 -25.09 6.74
C ALA A 23 4.22 -23.63 7.16
N ILE A 24 4.98 -22.82 6.42
CA ILE A 24 5.14 -21.42 6.78
C ILE A 24 3.79 -20.73 6.78
N ASP A 25 3.52 -20.00 7.87
CA ASP A 25 2.35 -19.15 7.97
C ASP A 25 2.76 -17.72 7.65
N PRO A 26 2.56 -17.23 6.43
CA PRO A 26 2.97 -15.87 6.10
C PRO A 26 2.16 -14.79 6.82
N PHE A 27 1.18 -15.18 7.63
CA PHE A 27 0.38 -14.21 8.39
C PHE A 27 0.57 -14.39 9.89
N SER A 28 1.64 -15.05 10.30
CA SER A 28 1.95 -15.22 11.71
C SER A 28 2.83 -14.07 12.19
N LEU A 29 2.74 -13.78 13.49
CA LEU A 29 3.50 -12.68 14.06
C LEU A 29 5.00 -12.87 13.85
N ASP A 30 5.50 -14.10 14.02
CA ASP A 30 6.91 -14.36 13.78
C ASP A 30 7.30 -14.00 12.36
N PHE A 31 6.43 -14.34 11.39
CA PHE A 31 6.70 -13.98 10.00
C PHE A 31 6.75 -12.48 9.82
N PHE A 32 5.77 -11.76 10.38
CA PHE A 32 5.78 -10.30 10.26
C PHE A 32 7.04 -9.72 10.88
N ASP A 33 7.51 -10.30 11.98
CA ASP A 33 8.65 -9.73 12.70
C ASP A 33 9.92 -9.78 11.85
N ASP A 34 10.09 -10.80 11.03
CA ASP A 34 11.24 -10.90 10.14
C ASP A 34 10.90 -11.84 9.00
N PRO A 35 10.32 -11.34 7.90
CA PRO A 35 9.84 -12.23 6.84
C PRO A 35 10.91 -12.66 5.85
N TYR A 36 12.11 -12.10 5.91
CA TYR A 36 13.04 -12.26 4.81
C TYR A 36 13.58 -13.68 4.71
N PRO A 37 13.97 -14.33 5.81
CA PRO A 37 14.38 -15.74 5.70
C PRO A 37 13.28 -16.62 5.15
N ASP A 38 12.06 -16.53 5.72
CA ASP A 38 10.97 -17.36 5.22
C ASP A 38 10.63 -17.03 3.77
N GLN A 39 10.89 -15.79 3.32
CA GLN A 39 10.59 -15.44 1.94
C GLN A 39 11.59 -16.05 0.97
N GLN A 40 12.88 -16.10 1.36
CA GLN A 40 13.83 -16.85 0.55
C GLN A 40 13.45 -18.33 0.50
N THR A 41 12.96 -18.87 1.62
CA THR A 41 12.51 -20.26 1.62
C THR A 41 11.36 -20.47 0.64
N LEU A 42 10.44 -19.49 0.57
CA LEU A 42 9.33 -19.60 -0.38
C LEU A 42 9.80 -19.47 -1.82
N ARG A 43 10.73 -18.55 -2.09
CA ARG A 43 11.25 -18.40 -3.44
C ARG A 43 12.00 -19.65 -3.87
N ASP A 44 12.85 -20.18 -2.99
CA ASP A 44 13.79 -21.23 -3.37
C ASP A 44 13.17 -22.62 -3.35
N ALA A 45 12.07 -22.81 -2.61
CA ALA A 45 11.38 -24.09 -2.65
C ALA A 45 10.88 -24.43 -4.04
N GLY A 46 10.63 -23.41 -4.87
CA GLY A 46 10.13 -23.59 -6.21
C GLY A 46 9.33 -22.39 -6.68
N PRO A 47 9.05 -22.33 -7.99
CA PRO A 47 8.28 -21.19 -8.51
C PRO A 47 6.85 -21.15 -8.02
N VAL A 48 6.26 -22.29 -7.64
CA VAL A 48 4.91 -22.34 -7.09
C VAL A 48 4.93 -23.28 -5.89
N VAL A 49 4.46 -22.79 -4.74
CA VAL A 49 4.39 -23.59 -3.54
C VAL A 49 2.92 -23.73 -3.13
N TYR A 50 2.68 -24.65 -2.21
CA TYR A 50 1.38 -24.80 -1.56
C TYR A 50 1.57 -24.61 -0.06
N LEU A 51 0.81 -23.68 0.52
CA LEU A 51 0.88 -23.36 1.93
C LEU A 51 -0.20 -24.16 2.67
N ASP A 52 0.22 -25.24 3.34
CA ASP A 52 -0.74 -26.13 3.99
C ASP A 52 -1.52 -25.42 5.08
N LYS A 53 -0.94 -24.38 5.68
CA LYS A 53 -1.61 -23.70 6.79
C LYS A 53 -2.96 -23.13 6.36
N TRP A 54 -3.04 -22.60 5.14
CA TRP A 54 -4.24 -21.91 4.69
C TRP A 54 -4.84 -22.47 3.41
N ASN A 55 -4.30 -23.56 2.88
CA ASN A 55 -4.84 -24.20 1.68
C ASN A 55 -4.92 -23.22 0.52
N VAL A 56 -3.77 -22.62 0.23
CA VAL A 56 -3.64 -21.70 -0.89
C VAL A 56 -2.32 -21.98 -1.59
N TYR A 57 -2.26 -21.64 -2.87
CA TYR A 57 -1.01 -21.65 -3.59
C TYR A 57 -0.27 -20.34 -3.34
N GLY A 58 1.04 -20.39 -3.48
CA GLY A 58 1.85 -19.20 -3.27
C GLY A 58 2.93 -19.05 -4.32
N VAL A 59 3.19 -17.81 -4.73
CA VAL A 59 4.29 -17.50 -5.63
C VAL A 59 5.09 -16.36 -5.02
N ALA A 60 6.38 -16.57 -4.80
CA ALA A 60 7.23 -15.59 -4.16
C ALA A 60 8.34 -15.04 -5.06
N ARG A 61 8.54 -15.60 -6.24
CA ARG A 61 9.52 -15.08 -7.17
C ARG A 61 8.93 -13.97 -8.02
N TYR A 62 9.79 -13.05 -8.46
CA TYR A 62 9.32 -11.93 -9.28
C TYR A 62 8.57 -12.41 -10.51
N ALA A 63 9.14 -13.38 -11.22
CA ALA A 63 8.59 -13.80 -12.50
C ALA A 63 7.13 -14.24 -12.36
N GLU A 64 6.84 -15.14 -11.40
CA GLU A 64 5.47 -15.63 -11.27
C GLU A 64 4.54 -14.56 -10.71
N VAL A 65 5.04 -13.76 -9.76
CA VAL A 65 4.20 -12.67 -9.23
C VAL A 65 3.81 -11.74 -10.36
N HIS A 66 4.76 -11.38 -11.21
CA HIS A 66 4.47 -10.50 -12.32
C HIS A 66 3.49 -11.15 -13.31
N ALA A 67 3.66 -12.45 -13.57
CA ALA A 67 2.77 -13.12 -14.52
C ALA A 67 1.34 -13.18 -13.98
N VAL A 68 1.18 -13.56 -12.72
CA VAL A 68 -0.16 -13.62 -12.15
C VAL A 68 -0.82 -12.25 -12.20
N LEU A 69 -0.09 -11.21 -11.80
CA LEU A 69 -0.66 -9.87 -11.82
C LEU A 69 -1.12 -9.48 -13.22
N ASN A 70 -0.42 -9.93 -14.25
CA ASN A 70 -0.68 -9.50 -15.61
C ASN A 70 -1.58 -10.46 -16.39
N ASP A 71 -2.16 -11.45 -15.71
CA ASP A 71 -3.18 -12.33 -16.29
C ASP A 71 -4.44 -12.21 -15.45
N PRO A 72 -5.14 -11.07 -15.55
CA PRO A 72 -6.34 -10.87 -14.73
C PRO A 72 -7.50 -11.76 -15.13
N THR A 73 -7.54 -12.25 -16.38
CA THR A 73 -8.61 -13.16 -16.78
C THR A 73 -8.48 -14.49 -16.03
N THR A 74 -7.26 -15.04 -15.99
CA THR A 74 -7.06 -16.33 -15.33
C THR A 74 -7.03 -16.16 -13.81
N PHE A 75 -6.37 -15.10 -13.32
CA PHE A 75 -6.21 -14.85 -11.89
C PHE A 75 -7.05 -13.63 -11.55
N CYS A 76 -8.35 -13.89 -11.30
CA CYS A 76 -9.32 -12.82 -11.20
C CYS A 76 -9.28 -12.16 -9.83
N SER A 77 -9.89 -10.99 -9.74
CA SER A 77 -10.00 -10.28 -8.48
C SER A 77 -11.43 -10.21 -7.96
N SER A 78 -12.44 -10.52 -8.80
CA SER A 78 -13.84 -10.40 -8.40
C SER A 78 -14.25 -11.43 -7.36
N ARG A 79 -13.46 -12.47 -7.13
CA ARG A 79 -13.70 -13.40 -6.04
C ARG A 79 -12.90 -13.04 -4.79
N GLY A 80 -12.40 -11.80 -4.72
CA GLY A 80 -11.70 -11.32 -3.53
C GLY A 80 -10.20 -11.41 -3.67
N VAL A 81 -9.50 -10.35 -3.24
CA VAL A 81 -8.05 -10.33 -3.23
C VAL A 81 -7.50 -10.61 -1.83
N GLY A 82 -8.36 -11.04 -0.90
CA GLY A 82 -7.94 -11.66 0.33
C GLY A 82 -8.05 -13.16 0.25
N LEU A 83 -7.86 -13.82 1.41
CA LEU A 83 -8.00 -15.26 1.47
C LEU A 83 -9.42 -15.70 1.16
N SER A 84 -10.41 -14.99 1.69
CA SER A 84 -11.81 -15.38 1.50
C SER A 84 -12.18 -15.36 0.02
N ASP A 85 -12.88 -16.42 -0.41
CA ASP A 85 -13.39 -16.55 -1.77
C ASP A 85 -14.84 -16.08 -1.77
N PHE A 86 -15.10 -14.94 -2.43
CA PHE A 86 -16.44 -14.36 -2.43
C PHE A 86 -17.50 -15.29 -2.98
N LYS A 87 -17.10 -16.25 -3.82
CA LYS A 87 -18.02 -17.27 -4.27
C LYS A 87 -18.36 -18.28 -3.18
N LYS A 88 -17.63 -18.28 -2.07
CA LYS A 88 -17.84 -19.23 -0.98
C LYS A 88 -18.32 -18.57 0.30
N GLU A 89 -17.81 -17.39 0.63
CA GLU A 89 -18.16 -16.66 1.83
C GLU A 89 -18.68 -15.27 1.46
N LYS A 90 -19.48 -14.70 2.34
CA LYS A 90 -19.90 -13.33 2.15
C LYS A 90 -18.75 -12.37 2.49
N PRO A 91 -18.51 -11.36 1.66
CA PRO A 91 -17.47 -10.39 1.99
C PRO A 91 -17.84 -9.61 3.24
N TRP A 92 -16.84 -9.31 4.06
CA TRP A 92 -17.08 -8.58 5.31
C TRP A 92 -17.67 -7.20 5.06
N ARG A 93 -17.55 -6.68 3.85
CA ARG A 93 -18.16 -5.44 3.43
C ARG A 93 -18.49 -5.55 1.95
N PRO A 94 -19.42 -4.74 1.44
CA PRO A 94 -19.73 -4.78 0.00
C PRO A 94 -18.45 -4.71 -0.83
N PRO A 95 -18.36 -5.48 -1.90
CA PRO A 95 -17.12 -5.52 -2.69
C PRO A 95 -16.75 -4.15 -3.23
N SER A 96 -15.45 -3.86 -3.22
CA SER A 96 -14.96 -2.67 -3.88
C SER A 96 -15.30 -2.73 -5.37
N LEU A 97 -15.75 -1.61 -5.93
CA LEU A 97 -16.11 -1.58 -7.35
C LEU A 97 -14.90 -1.61 -8.26
N ILE A 98 -13.70 -1.43 -7.75
CA ILE A 98 -12.48 -1.39 -8.55
C ILE A 98 -11.50 -2.50 -8.15
N LEU A 99 -11.16 -2.56 -6.86
CA LEU A 99 -10.16 -3.53 -6.41
C LEU A 99 -10.68 -4.96 -6.54
N GLU A 100 -11.95 -5.17 -6.22
CA GLU A 100 -12.56 -6.49 -6.20
C GLU A 100 -13.49 -6.67 -7.38
N ALA A 101 -13.09 -6.14 -8.53
CA ALA A 101 -13.83 -6.31 -9.77
C ALA A 101 -12.85 -6.72 -10.87
N ASP A 102 -13.38 -7.38 -11.89
CA ASP A 102 -12.60 -7.74 -13.06
C ASP A 102 -13.09 -6.96 -14.27
N PRO A 103 -12.25 -6.76 -15.27
CA PRO A 103 -12.74 -6.23 -16.55
C PRO A 103 -13.86 -7.09 -17.07
N PRO A 104 -14.89 -6.49 -17.69
CA PRO A 104 -15.03 -5.06 -17.97
C PRO A 104 -15.67 -4.24 -16.86
N ALA A 105 -16.29 -4.89 -15.88
CA ALA A 105 -16.92 -4.14 -14.79
C ALA A 105 -15.93 -3.23 -14.08
N HIS A 106 -14.67 -3.65 -14.01
CA HIS A 106 -13.61 -2.86 -13.39
C HIS A 106 -13.25 -1.62 -14.19
N THR A 107 -13.46 -1.65 -15.52
CA THR A 107 -12.81 -0.69 -16.41
C THR A 107 -13.30 0.74 -16.16
N ARG A 108 -14.61 0.97 -16.16
CA ARG A 108 -15.08 2.35 -16.11
C ARG A 108 -14.85 2.97 -14.73
N PRO A 109 -15.11 2.24 -13.64
CA PRO A 109 -14.73 2.80 -12.32
C PRO A 109 -13.24 3.09 -12.22
N ARG A 110 -12.40 2.24 -12.82
CA ARG A 110 -10.97 2.52 -12.84
C ARG A 110 -10.67 3.83 -13.53
N ALA A 111 -11.28 4.06 -14.71
CA ALA A 111 -11.04 5.31 -15.43
C ALA A 111 -11.43 6.51 -14.60
N VAL A 112 -12.55 6.43 -13.88
CA VAL A 112 -12.97 7.57 -13.07
C VAL A 112 -11.93 7.89 -12.00
N LEU A 113 -11.52 6.86 -11.25
CA LEU A 113 -10.48 7.09 -10.25
C LEU A 113 -9.18 7.54 -10.89
N SER A 114 -8.90 7.07 -12.10
CA SER A 114 -7.69 7.49 -12.81
C SER A 114 -7.74 8.98 -13.14
N LYS A 115 -8.92 9.49 -13.52
CA LYS A 115 -9.03 10.91 -13.83
C LYS A 115 -9.13 11.76 -12.56
N VAL A 116 -9.73 11.22 -11.51
CA VAL A 116 -9.81 11.93 -10.23
C VAL A 116 -8.41 12.17 -9.68
N LEU A 117 -7.53 11.16 -9.80
CA LEU A 117 -6.17 11.25 -9.28
C LEU A 117 -5.19 11.40 -10.44
N SER A 118 -5.49 12.28 -11.38
CA SER A 118 -4.77 12.37 -12.64
C SER A 118 -3.51 13.20 -12.49
N PRO A 119 -2.64 13.17 -13.50
CA PRO A 119 -1.48 14.09 -13.50
C PRO A 119 -1.90 15.54 -13.39
N ALA A 120 -3.00 15.92 -14.04
CA ALA A 120 -3.50 17.29 -13.92
C ALA A 120 -3.90 17.59 -12.48
N THR A 121 -4.53 16.62 -11.81
CA THR A 121 -4.96 16.85 -10.43
C THR A 121 -3.77 17.06 -9.51
N MET A 122 -2.66 16.34 -9.74
CA MET A 122 -1.49 16.51 -8.90
C MET A 122 -1.02 17.96 -8.90
N LYS A 123 -1.12 18.64 -10.05
CA LYS A 123 -0.67 20.03 -10.12
C LYS A 123 -1.46 20.94 -9.20
N THR A 124 -2.74 20.63 -8.95
CA THR A 124 -3.55 21.49 -8.09
C THR A 124 -3.18 21.33 -6.61
N ILE A 125 -2.66 20.18 -6.22
CA ILE A 125 -2.38 19.91 -4.80
C ILE A 125 -0.89 19.96 -4.46
N ARG A 126 0.00 19.94 -5.45
CA ARG A 126 1.42 19.75 -5.15
C ARG A 126 1.96 20.86 -4.24
N ASP A 127 1.61 22.12 -4.51
CA ASP A 127 2.19 23.20 -3.71
C ASP A 127 1.77 23.08 -2.25
N GLY A 128 0.48 22.77 -2.01
CA GLY A 128 0.03 22.62 -0.64
C GLY A 128 0.63 21.40 0.04
N PHE A 129 0.78 20.30 -0.71
CA PHE A 129 1.39 19.10 -0.14
C PHE A 129 2.84 19.35 0.24
N ALA A 130 3.57 20.09 -0.60
CA ALA A 130 4.99 20.32 -0.32
C ALA A 130 5.17 21.29 0.85
N ALA A 131 4.38 22.38 0.86
CA ALA A 131 4.44 23.31 1.98
C ALA A 131 4.13 22.61 3.29
N ALA A 132 3.15 21.71 3.29
CA ALA A 132 2.83 20.95 4.48
C ALA A 132 3.97 20.01 4.86
N ALA A 133 4.70 19.50 3.86
CA ALA A 133 5.84 18.64 4.14
C ALA A 133 6.99 19.43 4.75
N ASP A 134 7.34 20.58 4.15
CA ASP A 134 8.39 21.42 4.73
C ASP A 134 8.00 21.89 6.13
N ALA A 135 6.73 22.25 6.32
CA ALA A 135 6.28 22.73 7.62
C ALA A 135 6.44 21.66 8.68
N LYS A 136 6.11 20.40 8.35
CA LYS A 136 6.23 19.32 9.32
C LYS A 136 7.69 19.10 9.69
N VAL A 137 8.57 19.04 8.70
CA VAL A 137 9.99 18.84 8.99
C VAL A 137 10.53 19.98 9.85
N ASP A 138 10.14 21.22 9.51
CA ASP A 138 10.55 22.36 10.34
C ASP A 138 10.03 22.21 11.76
N GLU A 139 8.80 21.73 11.91
CA GLU A 139 8.23 21.53 13.24
C GLU A 139 9.00 20.47 14.01
N LEU A 140 9.29 19.34 13.36
CA LEU A 140 9.99 18.25 14.02
C LEU A 140 11.42 18.65 14.39
N LEU A 141 12.08 19.43 13.53
CA LEU A 141 13.42 19.91 13.85
C LEU A 141 13.41 20.77 15.11
N GLN A 142 12.30 21.44 15.41
CA GLN A 142 12.21 22.22 16.64
C GLN A 142 12.21 21.32 17.87
N ARG A 143 11.71 20.10 17.74
CA ARG A 143 11.66 19.16 18.85
C ARG A 143 12.91 18.30 18.95
N GLY A 144 13.54 17.98 17.82
CA GLY A 144 14.75 17.19 17.80
C GLY A 144 14.50 15.70 17.87
N CYS A 145 14.06 15.22 19.02
CA CYS A 145 13.82 13.80 19.25
C CYS A 145 12.33 13.55 19.09
N ILE A 146 11.94 12.95 17.96
CA ILE A 146 10.54 12.71 17.62
C ILE A 146 10.35 11.24 17.28
N ASP A 147 9.08 10.84 17.18
CA ASP A 147 8.71 9.51 16.71
C ASP A 147 8.39 9.62 15.22
N ALA A 148 9.28 9.10 14.38
CA ALA A 148 9.10 9.20 12.93
C ALA A 148 7.81 8.56 12.45
N ILE A 149 7.13 7.78 13.28
CA ILE A 149 5.86 7.19 12.85
C ILE A 149 4.73 8.13 13.20
N ALA A 150 4.40 8.24 14.48
CA ALA A 150 3.28 9.09 14.87
C ALA A 150 3.51 10.53 14.45
N ASP A 151 4.74 11.03 14.62
CA ASP A 151 4.99 12.45 14.42
C ASP A 151 5.34 12.82 12.98
N LEU A 152 5.58 11.84 12.12
CA LEU A 152 5.99 12.14 10.75
C LEU A 152 5.22 11.28 9.74
N ALA A 153 5.44 9.96 9.77
CA ALA A 153 4.78 9.08 8.80
C ALA A 153 3.26 9.15 8.91
N GLU A 154 2.75 9.29 10.14
CA GLU A 154 1.32 9.42 10.35
C GLU A 154 0.86 10.87 10.27
N ALA A 155 1.58 11.76 10.95
CA ALA A 155 1.13 13.14 11.08
C ALA A 155 1.05 13.84 9.73
N TYR A 156 2.04 13.62 8.85
CA TYR A 156 2.03 14.34 7.59
C TYR A 156 0.86 13.94 6.72
N PRO A 157 0.68 12.66 6.36
CA PRO A 157 -0.50 12.31 5.54
C PRO A 157 -1.81 12.74 6.17
N LEU A 158 -1.92 12.70 7.50
CA LEU A 158 -3.17 13.14 8.13
C LEU A 158 -3.40 14.63 7.91
N SER A 159 -2.34 15.40 7.69
CA SER A 159 -2.44 16.84 7.53
C SER A 159 -2.72 17.27 6.09
N VAL A 160 -2.70 16.34 5.13
CA VAL A 160 -2.95 16.70 3.74
C VAL A 160 -4.06 15.86 3.12
N PHE A 161 -4.06 14.55 3.35
CA PHE A 161 -4.95 13.68 2.57
C PHE A 161 -6.41 13.88 2.94
N PRO A 162 -6.81 13.82 4.23
CA PRO A 162 -8.22 14.07 4.56
C PRO A 162 -8.75 15.36 3.98
N ASP A 163 -7.93 16.42 3.99
CA ASP A 163 -8.34 17.68 3.37
C ASP A 163 -8.45 17.54 1.86
N ALA A 164 -7.47 16.87 1.23
CA ALA A 164 -7.56 16.66 -0.21
C ALA A 164 -8.79 15.83 -0.57
N MET A 165 -9.23 14.95 0.34
CA MET A 165 -10.47 14.20 0.11
C MET A 165 -11.69 15.09 0.19
N GLY A 166 -11.63 16.15 0.99
CA GLY A 166 -12.80 16.96 1.27
C GLY A 166 -13.54 16.56 2.52
N LEU A 167 -12.91 15.82 3.43
CA LEU A 167 -13.55 15.37 4.65
C LEU A 167 -13.67 16.52 5.65
N LYS A 168 -14.74 16.50 6.44
CA LYS A 168 -14.81 17.41 7.58
C LYS A 168 -13.78 17.00 8.63
N GLN A 169 -13.53 17.91 9.58
CA GLN A 169 -12.61 17.62 10.67
C GLN A 169 -13.15 16.51 11.56
N GLU A 170 -14.45 16.54 11.86
CA GLU A 170 -15.05 15.61 12.80
C GLU A 170 -14.87 14.17 12.32
N GLY A 171 -14.40 13.31 13.21
CA GLY A 171 -14.39 11.87 12.97
C GLY A 171 -13.16 11.34 12.27
N ARG A 172 -12.16 12.17 12.00
CA ARG A 172 -10.99 11.72 11.27
C ARG A 172 -10.19 10.67 12.02
N GLU A 173 -10.39 10.55 13.34
CA GLU A 173 -9.70 9.50 14.09
C GLU A 173 -10.12 8.11 13.64
N HIS A 174 -11.25 7.98 12.94
CA HIS A 174 -11.67 6.69 12.41
C HIS A 174 -10.85 6.24 11.20
N LEU A 175 -10.13 7.16 10.55
CA LEU A 175 -9.55 6.84 9.25
C LEU A 175 -8.50 5.74 9.36
N LEU A 176 -7.48 5.94 10.19
CA LEU A 176 -6.44 4.91 10.33
C LEU A 176 -7.01 3.61 10.87
N PRO A 177 -7.81 3.60 11.94
CA PRO A 177 -8.41 2.33 12.38
C PRO A 177 -9.19 1.62 11.28
N TYR A 178 -9.90 2.35 10.43
CA TYR A 178 -10.63 1.71 9.34
C TYR A 178 -9.67 1.09 8.33
N ALA A 179 -8.61 1.81 7.98
CA ALA A 179 -7.63 1.27 7.04
C ALA A 179 -6.94 0.03 7.60
N GLY A 180 -6.58 0.05 8.89
CA GLY A 180 -6.01 -1.13 9.50
C GLY A 180 -6.96 -2.30 9.44
N LEU A 181 -8.24 -2.05 9.71
CA LEU A 181 -9.25 -3.08 9.57
C LEU A 181 -9.29 -3.61 8.14
N VAL A 182 -9.33 -2.72 7.16
CA VAL A 182 -9.40 -3.16 5.76
C VAL A 182 -8.23 -4.11 5.45
N PHE A 183 -7.00 -3.67 5.72
CA PHE A 183 -5.87 -4.48 5.31
C PHE A 183 -5.74 -5.75 6.14
N ASN A 184 -6.15 -5.72 7.41
CA ASN A 184 -6.24 -6.96 8.16
C ASN A 184 -7.29 -7.90 7.58
N ALA A 185 -8.35 -7.35 6.99
CA ALA A 185 -9.44 -8.16 6.46
C ALA A 185 -9.04 -8.96 5.22
N PHE A 186 -7.99 -8.54 4.50
CA PHE A 186 -7.47 -9.33 3.39
C PHE A 186 -6.84 -10.64 3.86
N GLY A 187 -6.42 -10.72 5.13
CA GLY A 187 -5.70 -11.86 5.61
C GLY A 187 -6.61 -13.03 5.94
N PRO A 188 -6.00 -14.11 6.41
CA PRO A 188 -6.77 -15.27 6.84
C PRO A 188 -7.56 -14.94 8.10
N PRO A 189 -8.53 -15.77 8.47
CA PRO A 189 -9.32 -15.51 9.69
C PRO A 189 -8.54 -15.82 10.96
N ASN A 190 -7.43 -15.12 11.16
CA ASN A 190 -6.68 -15.25 12.40
C ASN A 190 -7.14 -14.18 13.39
N GLU A 191 -6.49 -14.14 14.55
CA GLU A 191 -6.89 -13.20 15.59
C GLU A 191 -6.82 -11.75 15.10
N LEU A 192 -5.79 -11.41 14.32
CA LEU A 192 -5.69 -10.06 13.79
C LEU A 192 -6.93 -9.68 13.01
N ARG A 193 -7.40 -10.59 12.15
CA ARG A 193 -8.59 -10.29 11.34
C ARG A 193 -9.85 -10.31 12.19
N GLN A 194 -10.03 -11.37 12.99
CA GLN A 194 -11.23 -11.46 13.82
C GLN A 194 -11.33 -10.28 14.76
N THR A 195 -10.21 -9.88 15.37
CA THR A 195 -10.24 -8.73 16.28
C THR A 195 -10.59 -7.45 15.54
N ALA A 196 -10.02 -7.25 14.35
CA ALA A 196 -10.30 -6.06 13.57
C ALA A 196 -11.78 -5.96 13.23
N ILE A 197 -12.38 -7.07 12.81
CA ILE A 197 -13.78 -7.05 12.42
C ILE A 197 -14.66 -6.84 13.64
N GLU A 198 -14.28 -7.45 14.77
CA GLU A 198 -15.01 -7.25 16.01
C GLU A 198 -15.22 -5.76 16.31
N ARG A 199 -14.21 -4.94 16.02
CA ARG A 199 -14.21 -3.53 16.40
C ARG A 199 -14.60 -2.61 15.24
N SER A 200 -15.16 -3.15 14.15
CA SER A 200 -15.25 -2.38 12.92
C SER A 200 -16.44 -1.42 12.90
N ALA A 201 -17.56 -1.80 13.52
CA ALA A 201 -18.83 -1.10 13.36
C ALA A 201 -18.72 0.42 13.39
N PRO A 202 -18.14 1.04 14.43
CA PRO A 202 -18.06 2.51 14.45
C PRO A 202 -17.26 3.07 13.30
N HIS A 203 -16.20 2.39 12.86
CA HIS A 203 -15.38 2.92 11.77
C HIS A 203 -16.10 2.79 10.43
N GLN A 204 -16.79 1.66 10.21
CA GLN A 204 -17.60 1.54 8.99
C GLN A 204 -18.65 2.63 8.93
N ALA A 205 -19.35 2.87 10.04
CA ALA A 205 -20.42 3.86 10.05
C ALA A 205 -19.88 5.23 9.65
N TYR A 206 -18.77 5.64 10.25
CA TYR A 206 -18.19 6.93 9.89
C TYR A 206 -17.82 6.98 8.42
N VAL A 207 -17.08 5.98 7.93
CA VAL A 207 -16.58 6.02 6.57
C VAL A 207 -17.73 6.03 5.57
N ASN A 208 -18.67 5.10 5.73
CA ASN A 208 -19.80 5.05 4.81
C ASN A 208 -20.53 6.39 4.76
N GLU A 209 -20.71 7.03 5.91
CA GLU A 209 -21.42 8.30 5.92
C GLU A 209 -20.65 9.38 5.17
N GLN A 210 -19.33 9.47 5.38
CA GLN A 210 -18.55 10.47 4.67
C GLN A 210 -18.51 10.23 3.17
N CYS A 211 -18.94 9.07 2.70
CA CYS A 211 -18.92 8.81 1.27
C CYS A 211 -20.07 9.47 0.52
N GLN A 212 -21.08 9.97 1.24
CA GLN A 212 -22.23 10.57 0.60
C GLN A 212 -21.90 11.97 0.10
N ARG A 213 -22.42 12.30 -1.08
CA ARG A 213 -22.08 13.56 -1.73
C ARG A 213 -22.17 14.79 -0.83
N PRO A 214 -23.20 14.97 0.00
CA PRO A 214 -23.27 16.21 0.79
C PRO A 214 -22.11 16.38 1.76
N ASN A 215 -21.42 15.30 2.12
CA ASN A 215 -20.40 15.33 3.16
C ASN A 215 -18.99 15.48 2.62
N LEU A 216 -18.82 15.86 1.36
CA LEU A 216 -17.52 15.96 0.72
C LEU A 216 -17.33 17.37 0.20
N ALA A 217 -16.34 18.08 0.75
CA ALA A 217 -16.17 19.49 0.43
C ALA A 217 -15.85 19.68 -1.04
N PRO A 218 -16.26 20.80 -1.62
CA PRO A 218 -16.10 20.99 -3.07
C PRO A 218 -14.63 21.04 -3.46
N GLY A 219 -14.33 20.51 -4.64
CA GLY A 219 -12.98 20.50 -5.16
C GLY A 219 -12.12 19.35 -4.71
N GLY A 220 -12.52 18.63 -3.64
CA GLY A 220 -11.75 17.50 -3.17
C GLY A 220 -11.99 16.24 -3.98
N PHE A 221 -11.14 15.24 -3.72
CA PHE A 221 -11.24 13.96 -4.42
C PHE A 221 -12.65 13.40 -4.35
N GLY A 222 -13.27 13.46 -3.17
CA GLY A 222 -14.59 12.87 -3.01
C GLY A 222 -15.63 13.53 -3.90
N ALA A 223 -15.72 14.85 -3.84
CA ALA A 223 -16.69 15.55 -4.67
C ALA A 223 -16.39 15.36 -6.15
N CYS A 224 -15.12 15.21 -6.52
CA CYS A 224 -14.78 14.98 -7.92
CA CYS A 224 -14.78 14.98 -7.92
C CYS A 224 -15.27 13.62 -8.40
N ILE A 225 -15.28 12.62 -7.53
CA ILE A 225 -15.81 11.31 -7.91
C ILE A 225 -17.29 11.42 -8.20
N HIS A 226 -18.05 12.03 -7.28
CA HIS A 226 -19.47 12.23 -7.48
C HIS A 226 -19.76 13.05 -8.74
N ALA A 227 -18.87 13.99 -9.08
CA ALA A 227 -19.08 14.81 -10.27
C ALA A 227 -18.97 14.00 -11.55
N PHE A 228 -18.29 12.85 -11.52
CA PHE A 228 -18.19 11.99 -12.69
C PHE A 228 -19.43 11.13 -12.91
N THR A 229 -20.46 11.28 -12.07
CA THR A 229 -21.66 10.47 -12.23
C THR A 229 -22.55 10.93 -13.38
N ASP A 230 -22.21 12.08 -13.98
N ASP A 230 -22.27 12.06 -14.03
CA ASP A 230 -22.95 12.68 -15.10
CA ASP A 230 -23.11 12.48 -15.14
C ASP A 230 -22.53 12.12 -16.46
C ASP A 230 -22.42 12.31 -16.49
N THR A 231 -21.33 11.55 -16.54
CA THR A 231 -20.69 11.23 -17.82
C THR A 231 -21.13 9.89 -18.38
N GLY A 232 -21.82 9.07 -17.60
CA GLY A 232 -22.10 7.71 -18.02
C GLY A 232 -21.00 6.73 -17.77
N GLU A 233 -19.92 7.15 -17.10
CA GLU A 233 -18.89 6.21 -16.70
C GLU A 233 -19.26 5.49 -15.42
N ILE A 234 -19.82 6.21 -14.44
CA ILE A 234 -20.38 5.62 -13.24
C ILE A 234 -21.74 6.27 -12.99
N THR A 235 -22.61 5.53 -12.32
CA THR A 235 -23.89 6.07 -11.88
C THR A 235 -23.75 6.70 -10.51
N PRO A 236 -24.73 7.51 -10.10
CA PRO A 236 -24.65 8.14 -8.77
C PRO A 236 -24.51 7.15 -7.63
N ASP A 237 -25.12 5.98 -7.74
CA ASP A 237 -25.04 5.00 -6.66
C ASP A 237 -23.69 4.30 -6.60
N GLU A 238 -22.85 4.44 -7.62
CA GLU A 238 -21.49 3.90 -7.57
C GLU A 238 -20.51 4.84 -6.90
N ALA A 239 -20.84 6.13 -6.81
CA ALA A 239 -19.91 7.12 -6.27
C ALA A 239 -19.52 6.84 -4.82
N PRO A 240 -20.46 6.60 -3.90
CA PRO A 240 -20.06 6.36 -2.50
C PRO A 240 -19.01 5.26 -2.35
N LEU A 241 -19.20 4.12 -3.02
CA LEU A 241 -18.23 3.02 -2.87
C LEU A 241 -16.87 3.39 -3.44
N LEU A 242 -16.83 4.25 -4.46
CA LEU A 242 -15.55 4.69 -5.00
C LEU A 242 -14.87 5.68 -4.07
N VAL A 243 -15.65 6.57 -3.44
CA VAL A 243 -15.09 7.36 -2.36
C VAL A 243 -14.57 6.45 -1.26
N ARG A 244 -15.32 5.39 -0.94
CA ARG A 244 -14.86 4.44 0.07
C ARG A 244 -13.50 3.86 -0.30
N SER A 245 -13.26 3.62 -1.59
CA SER A 245 -11.98 3.07 -2.02
C SER A 245 -10.83 3.97 -1.61
N LEU A 246 -10.98 5.28 -1.82
CA LEU A 246 -9.91 6.22 -1.47
C LEU A 246 -9.75 6.36 0.03
N LEU A 247 -10.86 6.27 0.77
CA LEU A 247 -10.79 6.32 2.22
C LEU A 247 -10.23 5.02 2.80
N SER A 248 -10.23 3.93 2.01
CA SER A 248 -9.65 2.66 2.45
C SER A 248 -8.17 2.56 2.11
N ALA A 249 -7.78 2.95 0.89
CA ALA A 249 -6.45 2.73 0.37
C ALA A 249 -5.59 3.98 0.34
N GLY A 250 -6.13 5.13 0.72
CA GLY A 250 -5.45 6.38 0.43
C GLY A 250 -4.54 6.91 1.51
N LEU A 251 -4.78 6.54 2.76
CA LEU A 251 -4.07 7.13 3.88
C LEU A 251 -3.03 6.20 4.49
N ASP A 252 -3.46 5.07 5.03
CA ASP A 252 -2.56 4.18 5.75
C ASP A 252 -1.44 3.65 4.87
N THR A 253 -1.66 3.59 3.56
CA THR A 253 -0.61 3.16 2.63
C THR A 253 0.53 4.17 2.61
N THR A 254 0.20 5.45 2.43
CA THR A 254 1.23 6.48 2.43
C THR A 254 1.92 6.59 3.78
N VAL A 255 1.20 6.31 4.87
CA VAL A 255 1.82 6.27 6.18
C VAL A 255 2.98 5.27 6.17
N ASN A 256 2.71 4.04 5.76
CA ASN A 256 3.75 3.02 5.77
C ASN A 256 4.77 3.23 4.65
N GLY A 257 4.37 3.88 3.56
CA GLY A 257 5.33 4.20 2.52
C GLY A 257 6.33 5.25 2.97
N ILE A 258 5.83 6.34 3.56
CA ILE A 258 6.73 7.37 4.09
C ILE A 258 7.52 6.80 5.27
N GLY A 259 6.87 6.04 6.14
CA GLY A 259 7.57 5.42 7.25
C GLY A 259 8.71 4.53 6.79
N ALA A 260 8.48 3.73 5.76
CA ALA A 260 9.55 2.89 5.23
C ALA A 260 10.70 3.74 4.70
N ALA A 261 10.38 4.84 4.03
CA ALA A 261 11.43 5.69 3.47
C ALA A 261 12.28 6.30 4.57
N VAL A 262 11.65 6.80 5.63
CA VAL A 262 12.42 7.35 6.72
C VAL A 262 13.19 6.24 7.44
N TYR A 263 12.58 5.07 7.60
CA TYR A 263 13.28 3.94 8.20
C TYR A 263 14.55 3.60 7.40
N CYS A 264 14.43 3.56 6.08
CA CYS A 264 15.58 3.28 5.23
C CYS A 264 16.66 4.34 5.42
N LEU A 265 16.28 5.61 5.33
CA LEU A 265 17.24 6.69 5.52
C LEU A 265 17.85 6.66 6.91
N ALA A 266 17.08 6.22 7.91
CA ALA A 266 17.61 6.09 9.26
C ALA A 266 18.64 4.97 9.35
N ARG A 267 18.44 3.88 8.61
CA ARG A 267 19.36 2.75 8.66
C ARG A 267 20.54 2.88 7.69
N PHE A 268 20.37 3.65 6.61
CA PHE A 268 21.39 3.77 5.56
C PHE A 268 21.85 5.23 5.49
N PRO A 269 22.65 5.69 6.45
CA PRO A 269 23.09 7.10 6.41
C PRO A 269 23.80 7.47 5.12
N GLY A 270 24.48 6.52 4.48
CA GLY A 270 25.14 6.84 3.22
C GLY A 270 24.17 7.27 2.14
N GLU A 271 22.98 6.66 2.13
CA GLU A 271 21.97 7.04 1.16
C GLU A 271 21.31 8.37 1.52
N LEU A 272 21.20 8.71 2.81
CA LEU A 272 20.72 10.03 3.18
C LEU A 272 21.68 11.10 2.68
N GLN A 273 22.98 10.86 2.83
CA GLN A 273 23.97 11.83 2.38
CA GLN A 273 23.96 11.85 2.39
C GLN A 273 23.91 12.05 0.88
N ARG A 274 23.64 10.99 0.12
CA ARG A 274 23.48 11.18 -1.33
C ARG A 274 22.21 11.94 -1.64
N LEU A 275 21.13 11.66 -0.90
CA LEU A 275 19.89 12.40 -1.10
C LEU A 275 20.08 13.88 -0.81
N ARG A 276 20.78 14.20 0.29
CA ARG A 276 21.06 15.60 0.60
C ARG A 276 21.83 16.26 -0.54
N SER A 277 22.82 15.56 -1.09
CA SER A 277 23.67 16.15 -2.12
C SER A 277 22.89 16.43 -3.40
N ASP A 278 21.81 15.69 -3.65
CA ASP A 278 20.99 15.90 -4.84
C ASP A 278 19.54 15.61 -4.48
N PRO A 279 18.80 16.61 -4.00
CA PRO A 279 17.41 16.38 -3.59
C PRO A 279 16.48 15.97 -4.73
N THR A 280 16.89 16.12 -6.00
CA THR A 280 16.05 15.60 -7.07
C THR A 280 15.95 14.08 -7.03
N LEU A 281 16.82 13.41 -6.28
CA LEU A 281 16.73 11.97 -6.07
C LEU A 281 15.58 11.58 -5.14
N ALA A 282 14.88 12.55 -4.55
CA ALA A 282 13.85 12.24 -3.57
C ALA A 282 12.81 11.27 -4.12
N ARG A 283 12.35 11.52 -5.35
CA ARG A 283 11.27 10.71 -5.90
C ARG A 283 11.71 9.26 -6.08
N ASN A 284 12.93 9.04 -6.56
CA ASN A 284 13.42 7.68 -6.69
C ASN A 284 13.79 7.08 -5.34
N ALA A 285 14.25 7.90 -4.39
CA ALA A 285 14.52 7.39 -3.06
C ALA A 285 13.25 6.87 -2.40
N PHE A 286 12.10 7.48 -2.71
CA PHE A 286 10.84 6.97 -2.21
C PHE A 286 10.44 5.68 -2.95
N GLU A 287 10.54 5.68 -4.28
CA GLU A 287 10.26 4.48 -5.03
C GLU A 287 11.11 3.31 -4.52
N GLU A 288 12.41 3.55 -4.31
CA GLU A 288 13.28 2.50 -3.80
C GLU A 288 12.80 2.02 -2.42
N ALA A 289 12.26 2.94 -1.61
CA ALA A 289 11.71 2.53 -0.32
C ALA A 289 10.50 1.64 -0.49
N VAL A 290 9.66 1.93 -1.49
CA VAL A 290 8.49 1.09 -1.72
C VAL A 290 8.92 -0.32 -2.08
N ARG A 291 9.91 -0.44 -2.96
CA ARG A 291 10.47 -1.75 -3.31
C ARG A 291 11.11 -2.41 -2.09
N PHE A 292 11.97 -1.67 -1.38
CA PHE A 292 12.79 -2.24 -0.32
C PHE A 292 11.94 -2.75 0.84
N GLU A 293 10.95 -1.96 1.27
CA GLU A 293 10.08 -2.41 2.36
C GLU A 293 8.80 -3.05 1.87
N SER A 294 8.31 -2.67 0.70
CA SER A 294 7.02 -3.12 0.18
C SER A 294 5.98 -2.99 1.28
N PRO A 295 5.53 -1.78 1.60
CA PRO A 295 4.52 -1.61 2.66
C PRO A 295 3.28 -2.46 2.43
N VAL A 296 2.86 -2.62 1.18
CA VAL A 296 1.76 -3.51 0.84
C VAL A 296 2.38 -4.85 0.46
N GLN A 297 2.25 -5.84 1.33
CA GLN A 297 3.07 -7.03 1.27
C GLN A 297 2.51 -8.13 0.37
N THR A 298 1.19 -8.29 0.33
CA THR A 298 0.60 -9.49 -0.25
C THR A 298 -0.80 -9.19 -0.80
N PHE A 299 -1.17 -9.94 -1.84
CA PHE A 299 -2.55 -9.97 -2.32
C PHE A 299 -2.81 -11.33 -2.94
N PHE A 300 -4.09 -11.74 -2.91
CA PHE A 300 -4.52 -13.00 -3.48
C PHE A 300 -5.18 -12.78 -4.85
N ARG A 301 -5.14 -13.83 -5.66
CA ARG A 301 -6.00 -13.94 -6.83
C ARG A 301 -6.72 -15.29 -6.75
N THR A 302 -7.77 -15.44 -7.55
CA THR A 302 -8.51 -16.70 -7.61
C THR A 302 -8.51 -17.19 -9.05
N THR A 303 -8.14 -18.44 -9.24
CA THR A 303 -8.09 -18.99 -10.60
C THR A 303 -9.49 -19.19 -11.14
N THR A 304 -9.71 -18.76 -12.37
CA THR A 304 -10.98 -18.94 -13.05
C THR A 304 -11.01 -20.18 -13.91
N ARG A 305 -9.91 -20.93 -13.96
CA ARG A 305 -9.80 -22.14 -14.76
C ARG A 305 -8.56 -22.88 -14.29
N GLU A 306 -8.44 -24.14 -14.71
CA GLU A 306 -7.18 -24.85 -14.55
C GLU A 306 -6.10 -24.11 -15.31
N VAL A 307 -4.95 -23.92 -14.67
CA VAL A 307 -3.87 -23.11 -15.23
C VAL A 307 -2.53 -23.76 -14.93
N GLU A 308 -1.60 -23.64 -15.87
CA GLU A 308 -0.22 -24.05 -15.67
C GLU A 308 0.59 -22.82 -15.30
N LEU A 309 1.27 -22.89 -14.15
CA LEU A 309 2.07 -21.78 -13.66
C LEU A 309 3.33 -22.35 -13.04
N GLY A 310 4.47 -22.07 -13.66
CA GLY A 310 5.75 -22.59 -13.20
C GLY A 310 5.77 -24.09 -13.02
N GLY A 311 5.30 -24.84 -14.01
CA GLY A 311 5.33 -26.29 -14.00
C GLY A 311 4.29 -26.96 -13.13
N ALA A 312 3.47 -26.19 -12.42
CA ALA A 312 2.41 -26.75 -11.58
C ALA A 312 1.07 -26.53 -12.25
N VAL A 313 0.15 -27.48 -12.04
CA VAL A 313 -1.19 -27.39 -12.57
C VAL A 313 -2.11 -26.98 -11.43
N ILE A 314 -2.63 -25.75 -11.49
CA ILE A 314 -3.53 -25.22 -10.49
C ILE A 314 -4.96 -25.39 -11.01
N GLY A 315 -5.82 -26.00 -10.19
CA GLY A 315 -7.21 -26.15 -10.55
C GLY A 315 -7.97 -24.85 -10.49
N GLU A 316 -9.19 -24.88 -11.02
CA GLU A 316 -10.08 -23.72 -10.99
C GLU A 316 -10.50 -23.41 -9.56
N GLY A 317 -10.81 -22.14 -9.31
CA GLY A 317 -11.31 -21.74 -8.01
C GLY A 317 -10.31 -21.87 -6.88
N GLU A 318 -9.02 -21.71 -7.16
CA GLU A 318 -7.98 -21.83 -6.16
C GLU A 318 -7.41 -20.46 -5.82
N LYS A 319 -7.15 -20.23 -4.54
CA LYS A 319 -6.54 -18.97 -4.13
C LYS A 319 -5.02 -19.04 -4.33
N VAL A 320 -4.46 -17.94 -4.83
CA VAL A 320 -3.03 -17.83 -5.11
C VAL A 320 -2.53 -16.59 -4.38
N LEU A 321 -1.55 -16.78 -3.51
CA LEU A 321 -0.99 -15.71 -2.70
C LEU A 321 0.27 -15.19 -3.37
N MET A 322 0.27 -13.90 -3.71
CA MET A 322 1.42 -13.24 -4.32
C MET A 322 2.20 -12.52 -3.23
N PHE A 323 3.49 -12.82 -3.13
CA PHE A 323 4.37 -12.17 -2.17
C PHE A 323 5.06 -11.01 -2.87
N LEU A 324 4.40 -9.85 -2.88
CA LEU A 324 4.94 -8.68 -3.55
C LEU A 324 6.30 -8.30 -2.97
N GLY A 325 6.39 -8.25 -1.64
CA GLY A 325 7.66 -7.88 -1.01
C GLY A 325 8.77 -8.85 -1.35
N SER A 326 8.47 -10.15 -1.34
CA SER A 326 9.45 -11.15 -1.78
C SER A 326 9.84 -10.93 -3.24
N ALA A 327 8.86 -10.67 -4.10
CA ALA A 327 9.15 -10.43 -5.51
C ALA A 327 10.07 -9.23 -5.69
N ASN A 328 9.94 -8.22 -4.84
CA ASN A 328 10.77 -7.03 -4.91
C ASN A 328 12.16 -7.25 -4.32
N ARG A 329 12.43 -8.41 -3.73
CA ARG A 329 13.77 -8.74 -3.23
C ARG A 329 14.32 -10.00 -3.87
N ASP A 330 13.69 -10.49 -4.93
CA ASP A 330 14.09 -11.71 -5.63
C ASP A 330 15.42 -11.47 -6.34
N PRO A 331 16.51 -12.11 -5.92
CA PRO A 331 17.79 -11.92 -6.62
C PRO A 331 17.79 -12.44 -8.05
N ARG A 332 16.80 -13.25 -8.44
CA ARG A 332 16.66 -13.60 -9.85
C ARG A 332 16.31 -12.39 -10.70
N ARG A 333 15.81 -11.32 -10.09
CA ARG A 333 15.43 -10.12 -10.81
C ARG A 333 16.27 -8.90 -10.44
N TRP A 334 16.66 -8.75 -9.18
CA TRP A 334 17.33 -7.56 -8.69
C TRP A 334 18.76 -7.86 -8.28
N SER A 335 19.66 -6.92 -8.61
N SER A 335 19.66 -6.92 -8.61
CA SER A 335 21.03 -6.95 -8.10
CA SER A 335 21.02 -6.97 -8.10
C SER A 335 21.06 -6.34 -6.70
C SER A 335 21.05 -6.35 -6.71
N ASP A 336 21.73 -7.02 -5.78
CA ASP A 336 21.80 -6.60 -4.39
C ASP A 336 20.41 -6.21 -3.87
N PRO A 337 19.45 -7.14 -3.94
CA PRO A 337 18.07 -6.76 -3.59
C PRO A 337 17.92 -6.26 -2.16
N ASP A 338 18.76 -6.73 -1.25
CA ASP A 338 18.67 -6.37 0.17
C ASP A 338 19.40 -5.06 0.49
N LEU A 339 19.79 -4.29 -0.52
CA LEU A 339 20.44 -2.99 -0.31
C LEU A 339 19.50 -1.88 -0.73
N TYR A 340 19.44 -0.84 0.10
CA TYR A 340 18.67 0.36 -0.23
C TYR A 340 19.55 1.28 -1.07
N ASP A 341 19.15 1.51 -2.33
CA ASP A 341 19.95 2.24 -3.29
C ASP A 341 19.06 3.26 -4.00
N ILE A 342 19.21 4.53 -3.66
CA ILE A 342 18.30 5.56 -4.15
C ILE A 342 18.54 5.94 -5.61
N THR A 343 19.61 5.44 -6.23
CA THR A 343 19.82 5.61 -7.66
C THR A 343 19.53 4.33 -8.44
N ARG A 344 18.99 3.31 -7.77
CA ARG A 344 18.64 2.07 -8.46
C ARG A 344 17.56 2.33 -9.52
N LYS A 345 17.61 1.56 -10.60
CA LYS A 345 16.54 1.56 -11.59
C LYS A 345 15.42 0.69 -11.05
N THR A 346 14.41 1.33 -10.45
CA THR A 346 13.34 0.65 -9.74
C THR A 346 12.15 0.30 -10.62
N SER A 347 12.14 0.75 -11.88
N SER A 347 12.21 0.68 -11.87
CA SER A 347 11.01 0.44 -12.75
CA SER A 347 11.13 0.38 -12.82
C SER A 347 10.83 -1.07 -12.84
C SER A 347 10.83 -1.12 -12.80
N GLY A 348 9.59 -1.52 -12.65
CA GLY A 348 9.25 -2.92 -12.68
C GLY A 348 8.99 -3.54 -11.33
N HIS A 349 9.41 -2.88 -10.25
CA HIS A 349 9.04 -3.37 -8.93
C HIS A 349 7.51 -3.44 -8.83
N VAL A 350 7.03 -4.35 -7.99
CA VAL A 350 5.60 -4.63 -7.88
C VAL A 350 5.01 -4.10 -6.58
N GLY A 351 5.65 -3.10 -5.97
CA GLY A 351 5.14 -2.53 -4.74
C GLY A 351 3.84 -1.79 -4.91
N PHE A 352 3.58 -1.29 -6.12
CA PHE A 352 2.29 -0.71 -6.50
C PHE A 352 1.46 -1.67 -7.33
N GLY A 353 1.82 -2.94 -7.40
CA GLY A 353 1.13 -3.87 -8.28
C GLY A 353 1.66 -3.79 -9.70
N SER A 354 0.86 -4.33 -10.62
CA SER A 354 1.25 -4.39 -12.03
C SER A 354 0.02 -4.80 -12.84
N GLY A 355 -0.16 -4.17 -14.00
CA GLY A 355 -1.27 -4.50 -14.86
C GLY A 355 -2.48 -3.61 -14.66
N VAL A 356 -3.68 -4.18 -14.87
CA VAL A 356 -4.89 -3.35 -14.91
C VAL A 356 -5.23 -2.79 -13.54
N HIS A 357 -4.81 -3.46 -12.47
CA HIS A 357 -5.11 -3.01 -11.11
C HIS A 357 -3.97 -2.20 -10.50
N MET A 358 -2.90 -1.92 -11.25
CA MET A 358 -1.77 -1.22 -10.67
C MET A 358 -2.24 0.07 -9.99
N CYS A 359 -1.68 0.35 -8.82
CA CYS A 359 -2.24 1.36 -7.91
C CYS A 359 -2.69 2.61 -8.63
N VAL A 360 -4.01 2.87 -8.65
CA VAL A 360 -4.53 4.06 -9.32
C VAL A 360 -4.16 5.33 -8.57
N GLY A 361 -3.83 5.24 -7.28
CA GLY A 361 -3.42 6.40 -6.52
C GLY A 361 -1.92 6.55 -6.38
N GLN A 362 -1.15 5.93 -7.29
CA GLN A 362 0.30 5.96 -7.18
C GLN A 362 0.87 7.36 -7.39
N LEU A 363 0.14 8.25 -8.06
CA LEU A 363 0.61 9.63 -8.21
C LEU A 363 0.50 10.39 -6.89
N VAL A 364 -0.58 10.17 -6.14
CA VAL A 364 -0.69 10.77 -4.81
C VAL A 364 0.40 10.21 -3.91
N ALA A 365 0.55 8.88 -3.87
CA ALA A 365 1.55 8.26 -3.02
C ALA A 365 2.94 8.81 -3.32
N ARG A 366 3.29 8.87 -4.60
CA ARG A 366 4.61 9.36 -4.98
C ARG A 366 4.77 10.85 -4.68
N LEU A 367 3.71 11.63 -4.88
CA LEU A 367 3.77 13.05 -4.56
C LEU A 367 4.10 13.28 -3.09
N GLU A 368 3.30 12.68 -2.18
CA GLU A 368 3.57 12.81 -0.75
C GLU A 368 4.97 12.32 -0.40
N GLY A 369 5.35 11.15 -0.92
CA GLY A 369 6.68 10.64 -0.63
C GLY A 369 7.77 11.59 -1.08
N GLU A 370 7.65 12.09 -2.32
CA GLU A 370 8.64 13.01 -2.86
C GLU A 370 8.78 14.26 -2.01
N VAL A 371 7.66 14.96 -1.77
CA VAL A 371 7.76 16.25 -1.09
C VAL A 371 8.30 16.08 0.32
N MET A 372 7.97 14.98 0.99
CA MET A 372 8.52 14.74 2.32
C MET A 372 10.02 14.48 2.24
N LEU A 373 10.45 13.53 1.41
CA LEU A 373 11.88 13.26 1.30
C LEU A 373 12.62 14.49 0.79
N SER A 374 11.96 15.34 0.02
CA SER A 374 12.58 16.60 -0.40
C SER A 374 12.80 17.51 0.80
N ALA A 375 11.79 17.65 1.65
CA ALA A 375 11.92 18.44 2.88
C ALA A 375 13.09 17.93 3.72
N LEU A 376 13.12 16.62 3.97
CA LEU A 376 14.22 16.02 4.71
C LEU A 376 15.55 16.26 4.02
N ALA A 377 15.59 16.06 2.70
CA ALA A 377 16.83 16.23 1.95
C ALA A 377 17.39 17.64 2.10
N ARG A 378 16.51 18.63 2.23
CA ARG A 378 16.96 20.01 2.30
C ARG A 378 17.18 20.50 3.72
N LYS A 379 16.55 19.90 4.73
CA LYS A 379 16.51 20.45 6.07
C LYS A 379 17.23 19.62 7.12
N VAL A 380 17.52 18.35 6.82
CA VAL A 380 18.04 17.42 7.82
C VAL A 380 19.44 17.00 7.43
N ALA A 381 20.34 16.98 8.42
CA ALA A 381 21.70 16.51 8.21
C ALA A 381 21.91 15.08 8.66
N ALA A 382 21.15 14.61 9.64
CA ALA A 382 21.29 13.25 10.12
C ALA A 382 19.97 12.76 10.71
N ILE A 383 19.74 11.46 10.61
CA ILE A 383 18.58 10.80 11.19
C ILE A 383 19.10 9.58 11.94
N ASP A 384 19.10 9.65 13.27
CA ASP A 384 19.66 8.61 14.12
C ASP A 384 18.56 8.02 14.97
N ILE A 385 18.40 6.69 14.90
CA ILE A 385 17.51 6.00 15.82
C ILE A 385 18.06 6.16 17.23
N ASP A 386 17.20 6.58 18.15
CA ASP A 386 17.63 6.83 19.52
C ASP A 386 16.60 6.28 20.50
N GLY A 387 16.04 5.12 20.18
CA GLY A 387 15.04 4.52 21.02
C GLY A 387 14.58 3.18 20.48
N PRO A 388 13.82 2.44 21.29
CA PRO A 388 13.34 1.12 20.85
C PRO A 388 12.50 1.26 19.59
N VAL A 389 12.82 0.42 18.60
CA VAL A 389 12.02 0.32 17.39
C VAL A 389 10.93 -0.72 17.62
N LYS A 390 9.67 -0.34 17.42
CA LYS A 390 8.54 -1.25 17.59
C LYS A 390 7.84 -1.44 16.25
N ARG A 391 7.62 -2.68 15.88
CA ARG A 391 6.95 -3.01 14.63
C ARG A 391 5.44 -3.09 14.83
N ARG A 392 4.71 -2.68 13.80
CA ARG A 392 3.26 -2.81 13.77
C ARG A 392 2.90 -4.06 12.96
N PHE A 393 1.98 -4.86 13.48
CA PHE A 393 1.61 -6.12 12.86
C PHE A 393 0.25 -5.98 12.18
N ASN A 394 0.18 -6.45 10.94
CA ASN A 394 -1.01 -6.35 10.11
C ASN A 394 -0.92 -7.43 9.04
N ASN A 395 -2.06 -8.02 8.69
CA ASN A 395 -2.07 -9.14 7.75
C ASN A 395 -1.59 -8.75 6.35
N THR A 396 -1.63 -7.46 6.01
CA THR A 396 -1.25 -7.05 4.67
C THR A 396 -0.20 -5.94 4.67
N LEU A 397 -0.19 -5.09 5.68
CA LEU A 397 0.71 -3.93 5.72
C LEU A 397 1.95 -4.24 6.54
N ARG A 398 3.10 -3.82 6.02
CA ARG A 398 4.37 -3.92 6.73
C ARG A 398 4.85 -2.52 7.07
N GLY A 399 5.18 -2.30 8.34
CA GLY A 399 5.56 -0.97 8.78
C GLY A 399 5.78 -0.97 10.27
N LEU A 400 6.16 0.20 10.78
CA LEU A 400 6.56 0.34 12.17
C LEU A 400 5.44 0.93 13.00
N GLU A 401 5.38 0.50 14.27
CA GLU A 401 4.55 1.16 15.26
C GLU A 401 5.22 2.43 15.78
N SER A 402 6.52 2.38 16.03
CA SER A 402 7.25 3.47 16.63
C SER A 402 8.68 3.47 16.13
N LEU A 403 9.20 4.64 15.77
CA LEU A 403 10.57 4.80 15.30
C LEU A 403 11.16 6.06 15.91
N PRO A 404 11.67 5.98 17.14
CA PRO A 404 12.28 7.15 17.75
C PRO A 404 13.58 7.50 17.03
N VAL A 405 13.69 8.77 16.62
CA VAL A 405 14.88 9.25 15.91
C VAL A 405 15.20 10.65 16.39
N LYS A 406 16.48 10.98 16.40
CA LYS A 406 16.93 12.36 16.54
C LYS A 406 17.17 12.93 15.16
N LEU A 407 16.54 14.07 14.87
CA LEU A 407 16.76 14.78 13.62
C LEU A 407 17.76 15.92 13.89
N THR A 408 18.89 15.89 13.17
CA THR A 408 19.84 16.98 13.29
C THR A 408 19.64 17.98 12.16
N PRO A 409 19.44 19.26 12.46
CA PRO A 409 19.23 20.24 11.38
C PRO A 409 20.43 20.32 10.45
N ALA A 410 20.16 20.62 9.18
CA ALA A 410 21.23 20.81 8.20
C ALA A 410 21.97 22.12 8.45
C01 L3K B . -7.11 -1.06 -2.69
C02 L3K B . -8.41 -0.62 -2.90
C03 L3K B . -9.34 -0.72 -1.88
C04 L3K B . -8.98 -1.25 -0.65
C05 L3K B . -7.68 -1.68 -0.45
C06 L3K B . -6.75 -1.59 -1.47
C07 L3K B . -5.35 -2.10 -1.18
C08 L3K B . -4.24 -1.71 -2.16
C10 L3K B . -10.77 -0.25 -2.09
O11 L3K B . -11.50 -0.01 -1.10
O12 L3K B . -11.20 -0.13 -3.27
BR09 L3K B . -3.42 -0.08 -1.52
H011 L3K B . -6.49 -1.00 -3.37
H021 L3K B . -8.65 -0.27 -3.72
H041 L3K B . -9.61 -1.30 0.03
H051 L3K B . -7.45 -2.03 0.38
H072 L3K B . -5.38 -3.06 -1.14
H071 L3K B . -5.08 -1.77 -0.31
H082 L3K B . -3.58 -2.41 -2.21
H081 L3K B . -4.63 -1.57 -3.04
CHA HEM C . -4.15 -0.72 -5.83
CHB HEM C . -0.07 -0.37 -3.20
CHC HEM C . -1.14 4.25 -2.23
CHD HEM C . -5.57 3.60 -4.08
C1A HEM C . -2.92 -1.01 -5.26
C2A HEM C . -2.17 -2.23 -5.45
C3A HEM C . -1.04 -2.14 -4.72
C4A HEM C . -1.05 -0.86 -4.05
CMA HEM C . 0.07 -3.20 -4.62
CAA HEM C . -2.56 -3.44 -6.33
CBA HEM C . -3.76 -4.17 -5.74
CGA HEM C . -4.03 -5.40 -6.56
O1A HEM C . -5.00 -6.14 -6.24
O2A HEM C . -3.28 -5.65 -7.55
C1B HEM C . 0.02 0.93 -2.76
C2B HEM C . 1.16 1.53 -2.09
C3B HEM C . 0.86 2.80 -1.82
C4B HEM C . -0.48 3.05 -2.31
CMB HEM C . 2.49 0.79 -1.75
CAB HEM C . 1.72 3.88 -1.12
CBB HEM C . 2.98 3.66 -0.74
C1C HEM C . -2.43 4.49 -2.65
C2C HEM C . -3.12 5.75 -2.58
C3C HEM C . -4.34 5.58 -3.09
C4C HEM C . -4.46 4.19 -3.51
CMC HEM C . -2.52 7.07 -2.01
CAC HEM C . -5.46 6.64 -3.25
CBC HEM C . -5.22 7.94 -3.08
C1D HEM C . -5.58 2.36 -4.70
C2D HEM C . -6.72 1.74 -5.34
C3D HEM C . -6.34 0.55 -5.82
C4D HEM C . -4.93 0.38 -5.50
CMD HEM C . -8.14 2.36 -5.44
CAD HEM C . -7.21 -0.45 -6.59
CBD HEM C . -7.00 -0.14 -8.08
CGD HEM C . -7.56 -1.22 -8.96
O1D HEM C . -7.57 -1.01 -10.21
O2D HEM C . -8.01 -2.27 -8.45
NA HEM C . -2.21 -0.20 -4.40
NB HEM C . -0.96 1.89 -2.88
NC HEM C . -3.27 3.56 -3.22
ND HEM C . -4.51 1.50 -4.81
FE HEM C . -2.66 1.77 -4.01
CL CL D . -17.19 0.01 5.39
#